data_5K13
#
_entry.id   5K13
#
_cell.length_a   88.496
_cell.length_b   62.541
_cell.length_c   49.347
_cell.angle_alpha   90.000
_cell.angle_beta   106.050
_cell.angle_gamma   90.000
#
_symmetry.space_group_name_H-M   'C 1 2 1'
#
loop_
_entity.id
_entity.type
_entity.pdbx_description
1 polymer 'Retinoic acid receptor alpha'
2 non-polymer '4-{5-(3-tert-butylphenyl)-1-[4-(methylsulfonyl)phenyl]-1H-pyrazol-3-yl}benzoic acid'
3 water water
#
_entity_poly.entity_id   1
_entity_poly.type   'polypeptide(L)'
_entity_poly.pdbx_seq_one_letter_code
;TPEVGELIEKVRKAHQETFPALCQLGKYTTNNSSEQRVSLDIDLWDKFSELSTKCIIKTVEFAKQLPGFTTLTIADQITL
LKAACLDILILRICTRYTPEQDTMTFSDGLTLNRTQMHNAGFGPLTDLVFAFANQLLPLEMDDAETGLLSAICLICGDRQ
DLEQPDRVDMLQEPLLEALKVYVRKRRPSRPHMFPKMLMKITDLRSISAKGAERVITLKMEIPGSMPPLIQEMLENSEGL
DTLSGQ
;
_entity_poly.pdbx_strand_id   A
#
# COMPACT_ATOMS: atom_id res chain seq x y z
N THR A 1 -12.99 -6.39 23.89
CA THR A 1 -11.82 -6.63 24.75
C THR A 1 -10.99 -5.33 24.87
N PRO A 2 -10.58 -4.90 26.10
CA PRO A 2 -9.81 -3.65 26.22
C PRO A 2 -8.41 -3.68 25.60
N GLU A 3 -7.71 -4.83 25.64
CA GLU A 3 -6.36 -4.93 25.03
C GLU A 3 -6.46 -4.96 23.51
N VAL A 4 -7.54 -5.58 22.99
CA VAL A 4 -7.79 -5.63 21.55
C VAL A 4 -8.26 -4.25 21.06
N GLY A 5 -9.20 -3.63 21.78
CA GLY A 5 -9.69 -2.29 21.48
C GLY A 5 -8.57 -1.27 21.43
N GLU A 6 -7.62 -1.35 22.38
CA GLU A 6 -6.46 -0.47 22.46
C GLU A 6 -5.54 -0.66 21.25
N LEU A 7 -5.31 -1.92 20.85
CA LEU A 7 -4.48 -2.25 19.68
C LEU A 7 -5.12 -1.70 18.39
N ILE A 8 -6.45 -1.94 18.20
CA ILE A 8 -7.23 -1.44 17.05
C ILE A 8 -7.11 0.08 16.95
N GLU A 9 -7.28 0.80 18.09
CA GLU A 9 -7.21 2.26 18.14
C GLU A 9 -5.84 2.76 17.70
N LYS A 10 -4.76 2.12 18.18
CA LYS A 10 -3.38 2.51 17.84
C LYS A 10 -3.08 2.37 16.36
N VAL A 11 -3.51 1.24 15.75
CA VAL A 11 -3.27 0.96 14.33
C VAL A 11 -4.15 1.87 13.45
N ARG A 12 -5.42 2.10 13.85
CA ARG A 12 -6.32 3.02 13.14
C ARG A 12 -5.70 4.41 13.17
N LYS A 13 -5.20 4.87 14.36
CA LYS A 13 -4.59 6.20 14.45
C LYS A 13 -3.31 6.30 13.63
N ALA A 14 -2.45 5.26 13.64
CA ALA A 14 -1.17 5.23 12.87
C ALA A 14 -1.47 5.38 11.37
N HIS A 15 -2.52 4.69 10.90
CA HIS A 15 -2.94 4.76 9.51
C HIS A 15 -3.52 6.14 9.16
N GLN A 16 -4.48 6.63 9.94
CA GLN A 16 -5.09 7.96 9.68
C GLN A 16 -4.07 9.09 9.67
N GLU A 17 -3.14 9.09 10.64
CA GLU A 17 -2.10 10.13 10.76
C GLU A 17 -1.09 10.13 9.63
N THR A 18 -1.04 9.05 8.84
CA THR A 18 -0.06 8.95 7.76
C THR A 18 -0.71 8.82 6.37
N PHE A 19 -2.05 8.89 6.32
CA PHE A 19 -2.80 8.70 5.07
C PHE A 19 -3.96 9.66 4.93
N PRO A 20 -3.86 10.70 4.09
CA PRO A 20 -5.03 11.56 3.87
C PRO A 20 -6.02 10.81 3.00
N ALA A 21 -7.29 10.84 3.38
CA ALA A 21 -8.35 10.12 2.67
C ALA A 21 -8.77 10.87 1.41
N LEU A 22 -9.35 10.13 0.42
CA LEU A 22 -9.86 10.72 -0.82
C LEU A 22 -10.78 11.96 -0.57
N CYS A 23 -11.72 11.83 0.36
CA CYS A 23 -12.66 12.90 0.67
C CYS A 23 -12.00 14.18 1.18
N GLN A 24 -10.85 14.05 1.85
CA GLN A 24 -10.11 15.18 2.41
C GLN A 24 -9.34 15.99 1.38
N LEU A 25 -8.95 15.38 0.26
CA LEU A 25 -8.09 16.02 -0.72
C LEU A 25 -8.82 16.84 -1.76
N GLY A 26 -8.14 17.88 -2.25
CA GLY A 26 -8.64 18.74 -3.33
C GLY A 26 -8.14 18.14 -4.63
N LYS A 27 -9.00 17.35 -5.29
CA LYS A 27 -8.62 16.71 -6.56
C LYS A 27 -8.29 17.70 -7.65
N TYR A 28 -7.20 17.41 -8.38
CA TYR A 28 -6.83 18.17 -9.56
C TYR A 28 -6.35 17.20 -10.62
N THR A 29 -6.53 17.57 -11.89
CA THR A 29 -6.15 16.71 -13.01
C THR A 29 -5.03 17.34 -13.84
N THR A 30 -4.56 16.57 -14.81
CA THR A 30 -3.54 17.01 -15.74
C THR A 30 -3.96 16.60 -17.15
N ASN A 31 -3.62 17.41 -18.15
CA ASN A 31 -3.94 17.09 -19.54
C ASN A 31 -2.93 16.11 -20.16
N ASN A 32 -1.74 15.96 -19.54
CA ASN A 32 -0.62 15.09 -19.98
C ASN A 32 -1.13 13.71 -20.39
N SER A 33 -0.99 13.37 -21.69
CA SER A 33 -1.39 12.10 -22.33
C SER A 33 -2.67 11.48 -21.73
N SER A 34 -3.69 12.31 -21.47
CA SER A 34 -4.93 11.87 -20.85
C SER A 34 -5.75 10.90 -21.70
N GLU A 35 -5.64 10.98 -23.04
CA GLU A 35 -6.40 10.11 -23.94
C GLU A 35 -5.55 9.36 -24.95
N GLN A 36 -4.24 9.34 -24.75
CA GLN A 36 -3.30 8.64 -25.63
C GLN A 36 -2.41 7.71 -24.80
N ARG A 37 -2.36 6.43 -25.16
CA ARG A 37 -1.48 5.45 -24.51
C ARG A 37 -0.08 5.65 -25.04
N VAL A 38 0.88 5.75 -24.13
CA VAL A 38 2.30 5.91 -24.46
C VAL A 38 3.09 4.94 -23.58
N SER A 39 4.29 4.55 -24.06
CA SER A 39 5.19 3.65 -23.33
CA SER A 39 5.19 3.65 -23.33
C SER A 39 5.59 4.27 -21.98
N LEU A 40 5.90 5.58 -21.96
CA LEU A 40 6.28 6.30 -20.75
C LEU A 40 6.23 7.81 -20.92
N ASP A 41 5.35 8.47 -20.15
CA ASP A 41 5.23 9.92 -20.15
C ASP A 41 6.15 10.37 -19.02
N ILE A 42 7.35 10.86 -19.40
CA ILE A 42 8.41 11.23 -18.46
C ILE A 42 7.94 12.29 -17.45
N ASP A 43 7.04 13.22 -17.86
CA ASP A 43 6.49 14.26 -16.97
C ASP A 43 5.55 13.66 -15.91
N LEU A 44 4.78 12.65 -16.31
CA LEU A 44 3.90 11.90 -15.40
C LEU A 44 4.77 11.06 -14.44
N TRP A 45 5.77 10.37 -15.00
CA TRP A 45 6.71 9.57 -14.20
C TRP A 45 7.44 10.47 -13.17
N ASP A 46 7.85 11.68 -13.58
CA ASP A 46 8.53 12.64 -12.69
C ASP A 46 7.65 13.04 -11.49
N LYS A 47 6.36 13.35 -11.74
CA LYS A 47 5.42 13.71 -10.66
C LYS A 47 5.18 12.49 -9.75
N PHE A 48 4.92 11.34 -10.38
CA PHE A 48 4.64 10.07 -9.74
C PHE A 48 5.78 9.62 -8.83
N SER A 49 7.04 9.64 -9.32
CA SER A 49 8.18 9.23 -8.49
C SER A 49 8.44 10.19 -7.32
N GLU A 50 8.11 11.48 -7.47
CA GLU A 50 8.26 12.47 -6.39
C GLU A 50 7.21 12.21 -5.30
N LEU A 51 5.97 11.85 -5.73
CA LEU A 51 4.89 11.52 -4.81
C LEU A 51 5.25 10.24 -4.07
N SER A 52 5.88 9.27 -4.77
CA SER A 52 6.29 7.99 -4.17
CA SER A 52 6.29 7.99 -4.17
C SER A 52 7.27 8.18 -3.02
N THR A 53 8.28 9.06 -3.20
CA THR A 53 9.27 9.33 -2.15
C THR A 53 8.58 9.80 -0.87
N LYS A 54 7.63 10.72 -1.00
CA LYS A 54 6.85 11.25 0.13
C LYS A 54 6.00 10.17 0.80
N CYS A 55 5.39 9.28 0.00
CA CYS A 55 4.55 8.18 0.47
C CYS A 55 5.37 7.11 1.19
N ILE A 56 6.60 6.82 0.70
CA ILE A 56 7.52 5.86 1.35
C ILE A 56 7.87 6.41 2.75
N ILE A 57 8.11 7.74 2.85
CA ILE A 57 8.36 8.38 4.15
C ILE A 57 7.18 8.15 5.10
N LYS A 58 5.94 8.38 4.63
CA LYS A 58 4.72 8.14 5.41
C LYS A 58 4.57 6.68 5.86
N THR A 59 4.93 5.72 4.98
CA THR A 59 4.86 4.28 5.31
C THR A 59 5.76 3.91 6.47
N VAL A 60 6.98 4.48 6.48
CA VAL A 60 8.00 4.28 7.52
C VAL A 60 7.45 4.85 8.83
N GLU A 61 6.82 6.05 8.76
CA GLU A 61 6.20 6.70 9.92
C GLU A 61 5.09 5.83 10.47
N PHE A 62 4.28 5.24 9.58
CA PHE A 62 3.19 4.32 9.96
C PHE A 62 3.78 3.08 10.67
N ALA A 63 4.81 2.45 10.07
CA ALA A 63 5.48 1.26 10.63
C ALA A 63 6.02 1.51 12.04
N LYS A 64 6.70 2.66 12.25
CA LYS A 64 7.25 3.01 13.56
C LYS A 64 6.20 3.20 14.65
N GLN A 65 4.94 3.49 14.27
CA GLN A 65 3.84 3.69 15.22
CA GLN A 65 3.84 3.69 15.22
C GLN A 65 3.12 2.39 15.58
N LEU A 66 3.44 1.29 14.86
CA LEU A 66 2.81 -0.01 15.12
C LEU A 66 3.38 -0.60 16.39
N PRO A 67 2.54 -1.04 17.36
CA PRO A 67 3.10 -1.56 18.62
C PRO A 67 4.08 -2.69 18.42
N GLY A 68 5.28 -2.50 18.95
CA GLY A 68 6.34 -3.49 18.92
C GLY A 68 7.25 -3.45 17.71
N PHE A 69 6.89 -2.70 16.63
CA PHE A 69 7.73 -2.69 15.43
C PHE A 69 9.15 -2.26 15.72
N THR A 70 9.32 -1.19 16.54
CA THR A 70 10.62 -0.63 16.89
C THR A 70 11.43 -1.52 17.87
N THR A 71 10.79 -2.59 18.42
CA THR A 71 11.47 -3.54 19.33
C THR A 71 12.19 -4.61 18.52
N LEU A 72 11.83 -4.78 17.22
CA LEU A 72 12.49 -5.72 16.34
C LEU A 72 13.89 -5.19 16.07
N THR A 73 14.83 -6.03 15.61
CA THR A 73 16.17 -5.53 15.28
C THR A 73 16.04 -4.58 14.08
N ILE A 74 16.98 -3.61 13.96
CA ILE A 74 17.01 -2.63 12.86
C ILE A 74 17.09 -3.33 11.51
N ALA A 75 17.91 -4.39 11.44
CA ALA A 75 18.02 -5.21 10.24
C ALA A 75 16.65 -5.79 9.88
N ASP A 76 15.90 -6.33 10.88
CA ASP A 76 14.58 -6.88 10.59
C ASP A 76 13.54 -5.81 10.24
N GLN A 77 13.62 -4.59 10.82
CA GLN A 77 12.71 -3.49 10.48
C GLN A 77 12.94 -3.11 9.01
N ILE A 78 14.22 -3.03 8.58
CA ILE A 78 14.57 -2.72 7.19
C ILE A 78 14.08 -3.79 6.21
N THR A 79 14.32 -5.07 6.54
CA THR A 79 13.90 -6.21 5.74
C THR A 79 12.39 -6.22 5.51
N LEU A 80 11.60 -6.03 6.59
CA LEU A 80 10.13 -6.01 6.48
C LEU A 80 9.66 -4.85 5.60
N LEU A 81 10.21 -3.64 5.82
CA LEU A 81 9.86 -2.43 5.05
C LEU A 81 10.20 -2.58 3.58
N LYS A 82 11.39 -3.14 3.24
CA LYS A 82 11.79 -3.36 1.84
C LYS A 82 10.84 -4.35 1.17
N ALA A 83 10.48 -5.43 1.86
CA ALA A 83 9.59 -6.46 1.31
C ALA A 83 8.12 -6.05 1.15
N ALA A 84 7.60 -5.15 2.00
CA ALA A 84 6.18 -4.75 1.95
C ALA A 84 5.94 -3.37 1.33
N CYS A 85 7.00 -2.64 1.02
CA CYS A 85 6.85 -1.28 0.50
C CYS A 85 5.91 -1.18 -0.71
N LEU A 86 6.15 -1.96 -1.77
CA LEU A 86 5.28 -1.95 -2.95
C LEU A 86 3.85 -2.35 -2.61
N ASP A 87 3.67 -3.39 -1.77
CA ASP A 87 2.35 -3.87 -1.33
C ASP A 87 1.59 -2.74 -0.65
N ILE A 88 2.24 -2.03 0.29
CA ILE A 88 1.57 -0.93 1.01
C ILE A 88 1.24 0.24 0.07
N LEU A 89 2.18 0.63 -0.80
CA LEU A 89 1.95 1.73 -1.78
C LEU A 89 0.79 1.35 -2.72
N ILE A 90 0.71 0.06 -3.15
CA ILE A 90 -0.41 -0.41 -4.01
C ILE A 90 -1.73 -0.26 -3.26
N LEU A 91 -1.77 -0.72 -2.02
CA LEU A 91 -2.97 -0.62 -1.20
C LEU A 91 -3.40 0.84 -1.01
N ARG A 92 -2.44 1.74 -0.73
CA ARG A 92 -2.69 3.16 -0.52
C ARG A 92 -3.28 3.88 -1.75
N ILE A 93 -2.70 3.70 -2.93
CA ILE A 93 -3.25 4.33 -4.14
C ILE A 93 -4.61 3.70 -4.53
N CYS A 94 -4.80 2.37 -4.33
CA CYS A 94 -6.07 1.68 -4.64
C CYS A 94 -7.19 2.07 -3.70
N THR A 95 -6.83 2.59 -2.50
CA THR A 95 -7.83 3.07 -1.55
C THR A 95 -8.47 4.38 -2.04
N ARG A 96 -7.80 5.11 -2.95
CA ARG A 96 -8.33 6.36 -3.46
C ARG A 96 -8.85 6.19 -4.90
N TYR A 97 -9.57 5.09 -5.15
CA TYR A 97 -10.12 4.81 -6.49
C TYR A 97 -11.52 5.39 -6.65
N THR A 98 -11.81 6.06 -7.80
CA THR A 98 -13.12 6.63 -8.11
C THR A 98 -13.61 5.84 -9.33
N PRO A 99 -14.54 4.86 -9.16
CA PRO A 99 -14.91 3.97 -10.27
C PRO A 99 -15.54 4.62 -11.49
N GLU A 100 -16.46 5.58 -11.30
CA GLU A 100 -17.19 6.23 -12.39
C GLU A 100 -16.28 6.95 -13.37
N GLN A 101 -15.20 7.56 -12.86
CA GLN A 101 -14.19 8.23 -13.67
C GLN A 101 -12.98 7.35 -13.94
N ASP A 102 -12.89 6.19 -13.26
CA ASP A 102 -11.78 5.22 -13.42
C ASP A 102 -10.42 5.92 -13.15
N THR A 103 -10.37 6.62 -12.00
CA THR A 103 -9.17 7.35 -11.60
C THR A 103 -8.65 6.92 -10.24
N MET A 104 -7.39 7.24 -9.98
CA MET A 104 -6.83 7.11 -8.64
C MET A 104 -6.27 8.46 -8.25
N THR A 105 -6.31 8.78 -6.95
CA THR A 105 -5.89 10.07 -6.42
C THR A 105 -4.71 9.90 -5.50
N PHE A 106 -3.64 10.68 -5.76
CA PHE A 106 -2.42 10.72 -4.95
C PHE A 106 -2.62 11.61 -3.72
N SER A 107 -1.69 11.50 -2.75
CA SER A 107 -1.76 12.23 -1.48
CA SER A 107 -1.81 12.23 -1.48
C SER A 107 -1.74 13.76 -1.59
N ASP A 108 -1.42 14.33 -2.79
CA ASP A 108 -1.44 15.81 -2.91
C ASP A 108 -2.72 16.24 -3.68
N GLY A 109 -3.58 15.26 -4.01
CA GLY A 109 -4.78 15.53 -4.79
C GLY A 109 -4.68 15.19 -6.27
N LEU A 110 -3.45 14.95 -6.79
CA LEU A 110 -3.28 14.57 -8.22
C LEU A 110 -4.17 13.38 -8.58
N THR A 111 -5.01 13.54 -9.59
CA THR A 111 -5.97 12.48 -9.94
C THR A 111 -5.75 12.07 -11.37
N LEU A 112 -5.29 10.82 -11.56
CA LEU A 112 -4.97 10.27 -12.87
C LEU A 112 -5.96 9.23 -13.30
N ASN A 113 -6.35 9.23 -14.58
CA ASN A 113 -7.21 8.17 -15.12
C ASN A 113 -6.35 6.92 -15.45
N ARG A 114 -6.99 5.83 -15.91
CA ARG A 114 -6.33 4.55 -16.22
C ARG A 114 -5.25 4.73 -17.27
N THR A 115 -5.52 5.51 -18.34
CA THR A 115 -4.51 5.79 -19.37
C THR A 115 -3.26 6.48 -18.78
N GLN A 116 -3.48 7.48 -17.92
CA GLN A 116 -2.42 8.21 -17.28
C GLN A 116 -1.61 7.34 -16.29
N MET A 117 -2.26 6.48 -15.51
CA MET A 117 -1.55 5.57 -14.58
C MET A 117 -0.68 4.60 -15.39
N HIS A 118 -1.21 4.13 -16.54
CA HIS A 118 -0.48 3.27 -17.48
C HIS A 118 0.76 4.01 -17.97
N ASN A 119 0.58 5.26 -18.45
CA ASN A 119 1.65 6.12 -18.98
C ASN A 119 2.64 6.60 -17.94
N ALA A 120 2.22 6.75 -16.68
CA ALA A 120 3.12 7.17 -15.60
C ALA A 120 4.13 6.09 -15.19
N GLY A 121 3.96 4.86 -15.67
CA GLY A 121 4.91 3.80 -15.37
C GLY A 121 4.33 2.42 -15.10
N PHE A 122 3.04 2.33 -14.77
CA PHE A 122 2.41 1.03 -14.52
C PHE A 122 2.40 0.11 -15.74
N GLY A 123 2.27 0.71 -16.94
CA GLY A 123 2.33 -0.06 -18.18
C GLY A 123 1.53 -1.34 -18.18
N PRO A 124 2.18 -2.52 -18.29
CA PRO A 124 1.43 -3.80 -18.36
C PRO A 124 0.70 -4.21 -17.09
N LEU A 125 1.06 -3.60 -15.95
CA LEU A 125 0.49 -3.88 -14.63
C LEU A 125 -0.77 -3.10 -14.33
N THR A 126 -1.13 -2.12 -15.18
CA THR A 126 -2.28 -1.25 -14.95
C THR A 126 -3.55 -1.98 -14.66
N ASP A 127 -3.95 -2.93 -15.54
CA ASP A 127 -5.21 -3.65 -15.38
C ASP A 127 -5.26 -4.46 -14.08
N LEU A 128 -4.14 -5.04 -13.66
CA LEU A 128 -4.07 -5.81 -12.40
C LEU A 128 -4.29 -4.90 -11.19
N VAL A 129 -3.63 -3.75 -11.18
CA VAL A 129 -3.75 -2.75 -10.07
C VAL A 129 -5.20 -2.21 -10.01
N PHE A 130 -5.78 -1.82 -11.18
CA PHE A 130 -7.17 -1.35 -11.21
C PHE A 130 -8.18 -2.42 -10.85
N ALA A 131 -7.93 -3.70 -11.22
CA ALA A 131 -8.80 -4.80 -10.84
C ALA A 131 -8.78 -4.95 -9.30
N PHE A 132 -7.60 -4.82 -8.67
CA PHE A 132 -7.47 -4.92 -7.19
C PHE A 132 -8.30 -3.81 -6.53
N ALA A 133 -8.17 -2.58 -7.05
CA ALA A 133 -8.93 -1.44 -6.53
C ALA A 133 -10.42 -1.74 -6.63
N ASN A 134 -10.88 -2.30 -7.75
CA ASN A 134 -12.29 -2.65 -7.93
C ASN A 134 -12.77 -3.72 -6.94
N GLN A 135 -11.90 -4.68 -6.58
CA GLN A 135 -12.19 -5.77 -5.63
C GLN A 135 -12.28 -5.24 -4.18
N LEU A 136 -11.53 -4.17 -3.86
CA LEU A 136 -11.53 -3.57 -2.51
C LEU A 136 -12.85 -2.90 -2.19
N LEU A 137 -13.44 -2.17 -3.15
CA LEU A 137 -14.66 -1.39 -2.94
C LEU A 137 -15.80 -2.13 -2.22
N PRO A 138 -16.27 -3.32 -2.65
CA PRO A 138 -17.38 -3.96 -1.94
C PRO A 138 -17.08 -4.39 -0.51
N LEU A 139 -15.79 -4.43 -0.12
CA LEU A 139 -15.39 -4.76 1.25
C LEU A 139 -15.77 -3.63 2.22
N GLU A 140 -16.05 -2.41 1.68
CA GLU A 140 -16.45 -1.22 2.41
C GLU A 140 -15.56 -1.06 3.65
N MET A 141 -14.25 -1.09 3.44
CA MET A 141 -13.28 -1.02 4.53
C MET A 141 -13.17 0.33 5.17
N ASP A 142 -13.04 0.37 6.49
CA ASP A 142 -12.85 1.64 7.20
C ASP A 142 -11.37 1.84 7.52
N ASP A 143 -11.04 2.94 8.23
CA ASP A 143 -9.65 3.24 8.56
C ASP A 143 -8.99 2.16 9.42
N ALA A 144 -9.73 1.60 10.38
CA ALA A 144 -9.21 0.55 11.26
C ALA A 144 -8.82 -0.69 10.44
N GLU A 145 -9.72 -1.11 9.51
CA GLU A 145 -9.48 -2.27 8.64
C GLU A 145 -8.35 -2.06 7.64
N THR A 146 -8.26 -0.88 7.00
CA THR A 146 -7.17 -0.61 6.05
C THR A 146 -5.83 -0.58 6.79
N GLY A 147 -5.82 0.06 7.96
CA GLY A 147 -4.65 0.15 8.83
C GLY A 147 -4.17 -1.23 9.27
N LEU A 148 -5.11 -2.08 9.70
CA LEU A 148 -4.80 -3.44 10.14
C LEU A 148 -4.30 -4.31 9.01
N LEU A 149 -4.90 -4.20 7.82
CA LEU A 149 -4.45 -4.96 6.64
C LEU A 149 -3.03 -4.54 6.24
N SER A 150 -2.72 -3.24 6.33
CA SER A 150 -1.39 -2.71 6.03
C SER A 150 -0.37 -3.27 7.03
N ALA A 151 -0.73 -3.28 8.33
CA ALA A 151 0.13 -3.79 9.41
C ALA A 151 0.39 -5.30 9.26
N ILE A 152 -0.64 -6.08 8.84
CA ILE A 152 -0.50 -7.54 8.64
C ILE A 152 0.45 -7.85 7.48
N CYS A 153 0.31 -7.06 6.40
CA CYS A 153 1.13 -7.17 5.21
CA CYS A 153 1.14 -7.09 5.18
C CYS A 153 2.59 -6.88 5.55
N LEU A 154 2.83 -5.92 6.40
CA LEU A 154 4.18 -5.54 6.82
C LEU A 154 4.82 -6.54 7.78
N ILE A 155 4.11 -6.85 8.88
CA ILE A 155 4.64 -7.68 9.96
C ILE A 155 4.40 -9.13 9.60
N CYS A 156 5.31 -9.62 8.78
CA CYS A 156 5.21 -10.93 8.20
C CYS A 156 6.50 -11.71 8.39
N GLY A 157 6.40 -12.84 9.07
CA GLY A 157 7.56 -13.65 9.40
C GLY A 157 8.13 -14.54 8.33
N ASP A 158 7.47 -14.62 7.15
CA ASP A 158 7.98 -15.49 6.09
C ASP A 158 8.96 -14.76 5.13
N ARG A 159 9.28 -13.45 5.38
CA ARG A 159 10.19 -12.68 4.52
C ARG A 159 11.61 -13.22 4.57
N GLN A 160 12.24 -13.36 3.40
CA GLN A 160 13.61 -13.86 3.27
C GLN A 160 14.58 -12.96 4.06
N ASP A 161 15.63 -13.58 4.68
CA ASP A 161 16.72 -12.94 5.43
C ASP A 161 16.32 -12.35 6.81
N LEU A 162 15.15 -12.68 7.37
CA LEU A 162 14.79 -12.15 8.69
C LEU A 162 15.64 -12.87 9.74
N GLU A 163 16.16 -12.10 10.72
CA GLU A 163 17.00 -12.63 11.82
C GLU A 163 16.12 -13.32 12.84
N GLN A 164 14.93 -12.76 13.12
CA GLN A 164 14.01 -13.34 14.10
C GLN A 164 12.60 -13.53 13.54
N PRO A 165 12.41 -14.49 12.59
CA PRO A 165 11.08 -14.70 12.00
C PRO A 165 9.98 -15.11 12.98
N ASP A 166 10.29 -15.93 14.02
CA ASP A 166 9.26 -16.29 14.98
C ASP A 166 8.79 -15.08 15.77
N ARG A 167 9.70 -14.15 16.11
CA ARG A 167 9.37 -12.92 16.83
C ARG A 167 8.39 -12.05 16.02
N VAL A 168 8.66 -11.92 14.70
CA VAL A 168 7.80 -11.18 13.75
C VAL A 168 6.43 -11.86 13.67
N ASP A 169 6.40 -13.21 13.58
CA ASP A 169 5.12 -13.94 13.55
C ASP A 169 4.30 -13.69 14.79
N MET A 170 4.97 -13.64 15.95
CA MET A 170 4.33 -13.40 17.26
C MET A 170 3.80 -11.98 17.35
N LEU A 171 4.49 -11.04 16.71
CA LEU A 171 4.04 -9.65 16.66
C LEU A 171 2.83 -9.52 15.72
N GLN A 172 2.76 -10.37 14.66
CA GLN A 172 1.63 -10.36 13.71
C GLN A 172 0.37 -10.95 14.31
N GLU A 173 0.52 -11.98 15.17
CA GLU A 173 -0.58 -12.70 15.83
C GLU A 173 -1.66 -11.76 16.45
N PRO A 174 -1.38 -10.78 17.34
CA PRO A 174 -2.48 -9.93 17.85
C PRO A 174 -3.14 -9.05 16.78
N LEU A 175 -2.45 -8.76 15.66
CA LEU A 175 -3.05 -7.93 14.59
C LEU A 175 -4.14 -8.72 13.85
N LEU A 176 -3.86 -10.00 13.55
CA LEU A 176 -4.82 -10.90 12.92
C LEU A 176 -6.05 -11.10 13.82
N GLU A 177 -5.81 -11.34 15.13
CA GLU A 177 -6.85 -11.50 16.16
C GLU A 177 -7.72 -10.21 16.24
N ALA A 178 -7.07 -9.01 16.24
CA ALA A 178 -7.79 -7.73 16.28
C ALA A 178 -8.69 -7.56 15.07
N LEU A 179 -8.18 -7.85 13.85
CA LEU A 179 -8.97 -7.70 12.61
C LEU A 179 -10.16 -8.64 12.62
N LYS A 180 -9.97 -9.89 13.06
CA LYS A 180 -11.02 -10.91 13.16
C LYS A 180 -12.18 -10.44 14.02
N VAL A 181 -11.88 -10.01 15.25
CA VAL A 181 -12.91 -9.58 16.19
C VAL A 181 -13.55 -8.27 15.74
N TYR A 182 -12.76 -7.37 15.14
CA TYR A 182 -13.23 -6.08 14.63
C TYR A 182 -14.24 -6.24 13.50
N VAL A 183 -13.93 -7.08 12.49
CA VAL A 183 -14.84 -7.29 11.36
C VAL A 183 -16.11 -8.06 11.79
N ARG A 184 -15.99 -8.90 12.83
CA ARG A 184 -17.10 -9.69 13.41
C ARG A 184 -18.11 -8.73 14.04
N LYS A 185 -17.62 -7.80 14.89
CA LYS A 185 -18.43 -6.81 15.58
C LYS A 185 -19.11 -5.86 14.60
N ARG A 186 -18.33 -5.25 13.69
CA ARG A 186 -18.81 -4.26 12.71
C ARG A 186 -19.70 -4.85 11.61
N ARG A 187 -19.37 -6.04 11.09
CA ARG A 187 -20.16 -6.71 10.05
C ARG A 187 -20.54 -8.15 10.45
N PRO A 188 -21.53 -8.34 11.35
CA PRO A 188 -21.91 -9.71 11.75
C PRO A 188 -22.69 -10.47 10.68
N SER A 189 -23.32 -9.72 9.74
CA SER A 189 -24.11 -10.24 8.63
C SER A 189 -23.25 -11.08 7.68
N ARG A 190 -21.99 -10.65 7.44
CA ARG A 190 -21.05 -11.34 6.56
C ARG A 190 -19.90 -11.97 7.37
N PRO A 191 -20.02 -13.25 7.78
CA PRO A 191 -18.93 -13.88 8.56
C PRO A 191 -17.72 -14.28 7.71
N HIS A 192 -17.88 -14.26 6.38
CA HIS A 192 -16.83 -14.59 5.41
C HIS A 192 -15.91 -13.39 5.12
N MET A 193 -16.24 -12.20 5.68
CA MET A 193 -15.50 -10.94 5.51
C MET A 193 -14.01 -11.02 5.90
N PHE A 194 -13.68 -11.60 7.08
CA PHE A 194 -12.30 -11.76 7.55
C PHE A 194 -11.42 -12.55 6.55
N PRO A 195 -11.73 -13.81 6.15
CA PRO A 195 -10.87 -14.48 5.15
C PRO A 195 -10.89 -13.79 3.78
N LYS A 196 -12.00 -13.09 3.40
CA LYS A 196 -12.06 -12.34 2.12
C LYS A 196 -10.98 -11.24 2.14
N MET A 197 -10.83 -10.55 3.28
CA MET A 197 -9.83 -9.51 3.51
C MET A 197 -8.41 -10.05 3.48
N LEU A 198 -8.15 -11.17 4.18
CA LEU A 198 -6.80 -11.77 4.17
C LEU A 198 -6.42 -12.29 2.80
N MET A 199 -7.40 -12.68 1.99
CA MET A 199 -7.19 -13.08 0.60
C MET A 199 -6.63 -11.89 -0.22
N LYS A 200 -7.00 -10.63 0.16
CA LYS A 200 -6.50 -9.42 -0.53
C LYS A 200 -4.99 -9.29 -0.35
N ILE A 201 -4.43 -9.75 0.79
CA ILE A 201 -2.98 -9.72 1.03
C ILE A 201 -2.30 -10.69 0.06
N THR A 202 -2.93 -11.86 -0.19
CA THR A 202 -2.40 -12.86 -1.12
C THR A 202 -2.38 -12.23 -2.53
N ASP A 203 -3.50 -11.57 -2.90
CA ASP A 203 -3.60 -10.85 -4.18
C ASP A 203 -2.54 -9.76 -4.27
N LEU A 204 -2.34 -8.99 -3.17
CA LEU A 204 -1.36 -7.92 -3.10
C LEU A 204 0.05 -8.44 -3.34
N ARG A 205 0.42 -9.60 -2.72
CA ARG A 205 1.78 -10.16 -2.91
C ARG A 205 2.07 -10.51 -4.36
N SER A 206 1.06 -11.07 -5.06
CA SER A 206 1.22 -11.44 -6.47
CA SER A 206 1.19 -11.44 -6.48
C SER A 206 1.49 -10.20 -7.31
N ILE A 207 0.68 -9.15 -7.14
CA ILE A 207 0.81 -7.89 -7.87
C ILE A 207 2.14 -7.22 -7.53
N SER A 208 2.51 -7.21 -6.22
CA SER A 208 3.78 -6.63 -5.75
C SER A 208 4.99 -7.31 -6.40
N ALA A 209 4.96 -8.65 -6.56
CA ALA A 209 6.01 -9.45 -7.19
C ALA A 209 6.17 -8.98 -8.64
N LYS A 210 5.03 -8.76 -9.34
CA LYS A 210 5.04 -8.23 -10.72
C LYS A 210 5.54 -6.79 -10.79
N GLY A 211 5.20 -6.01 -9.77
CA GLY A 211 5.64 -4.63 -9.62
C GLY A 211 7.15 -4.53 -9.51
N ALA A 212 7.75 -5.41 -8.69
CA ALA A 212 9.21 -5.46 -8.48
C ALA A 212 9.93 -5.75 -9.79
N GLU A 213 9.32 -6.58 -10.64
CA GLU A 213 9.85 -6.92 -11.96
C GLU A 213 9.77 -5.68 -12.87
N ARG A 214 8.66 -4.90 -12.76
CA ARG A 214 8.52 -3.68 -13.54
C ARG A 214 9.53 -2.59 -13.10
N VAL A 215 9.81 -2.47 -11.79
CA VAL A 215 10.80 -1.52 -11.25
C VAL A 215 12.15 -1.79 -11.96
N ILE A 216 12.53 -3.06 -12.01
CA ILE A 216 13.76 -3.55 -12.64
C ILE A 216 13.74 -3.20 -14.15
N THR A 217 12.60 -3.44 -14.84
CA THR A 217 12.43 -3.09 -16.26
C THR A 217 12.64 -1.58 -16.46
N LEU A 218 12.02 -0.74 -15.60
CA LEU A 218 12.13 0.72 -15.68
C LEU A 218 13.55 1.21 -15.39
N LYS A 219 14.25 0.59 -14.43
CA LYS A 219 15.64 0.92 -14.10
C LYS A 219 16.55 0.70 -15.34
N MET A 220 16.24 -0.34 -16.15
CA MET A 220 16.96 -0.68 -17.37
C MET A 220 16.78 0.39 -18.43
N GLU A 221 15.51 0.71 -18.74
CA GLU A 221 15.06 1.63 -19.79
C GLU A 221 15.23 3.12 -19.49
N ILE A 222 14.97 3.56 -18.23
CA ILE A 222 15.13 4.97 -17.85
C ILE A 222 16.01 5.14 -16.56
N PRO A 223 17.31 4.76 -16.57
CA PRO A 223 18.13 4.91 -15.35
C PRO A 223 18.35 6.34 -14.86
N GLY A 224 18.43 7.29 -15.79
CA GLY A 224 18.63 8.69 -15.49
C GLY A 224 17.45 9.39 -14.86
N SER A 225 16.24 8.82 -15.03
CA SER A 225 14.99 9.37 -14.50
C SER A 225 14.52 8.65 -13.22
N MET A 226 15.22 7.57 -12.84
CA MET A 226 14.89 6.77 -11.66
C MET A 226 15.25 7.48 -10.36
N PRO A 227 14.30 7.63 -9.41
CA PRO A 227 14.66 8.20 -8.11
C PRO A 227 15.44 7.13 -7.32
N PRO A 228 15.96 7.35 -6.08
CA PRO A 228 16.63 6.23 -5.39
C PRO A 228 15.62 5.10 -5.15
N LEU A 229 16.03 3.84 -5.41
CA LEU A 229 15.15 2.68 -5.22
C LEU A 229 14.70 2.55 -3.75
N ILE A 230 13.64 1.75 -3.50
CA ILE A 230 13.08 1.49 -2.18
C ILE A 230 14.18 0.98 -1.23
N GLN A 231 14.94 -0.05 -1.66
CA GLN A 231 16.06 -0.64 -0.93
C GLN A 231 17.13 0.41 -0.58
N GLU A 232 17.44 1.32 -1.54
CA GLU A 232 18.41 2.41 -1.37
C GLU A 232 17.94 3.46 -0.35
N MET A 233 16.65 3.84 -0.39
CA MET A 233 16.02 4.81 0.51
C MET A 233 15.96 4.35 1.97
N LEU A 234 15.51 3.08 2.20
CA LEU A 234 15.33 2.53 3.53
C LEU A 234 16.65 2.22 4.25
N GLU A 235 17.71 1.87 3.49
CA GLU A 235 19.05 1.59 4.01
C GLU A 235 19.70 2.87 4.57
#